data_6P50
#
_entry.id   6P50
#
_cell.length_a   145.113
_cell.length_b   40.171
_cell.length_c   105.097
_cell.angle_alpha   90.000
_cell.angle_beta   105.477
_cell.angle_gamma   90.000
#
_symmetry.space_group_name_H-M   'C 1 2 1'
#
loop_
_entity.id
_entity.type
_entity.pdbx_description
1 polymer 'Interleukin-7 receptor subunit alpha'
2 polymer 'anti-IL-7R 4A10 Fab heavy chain'
3 polymer 'anti-IL-7R 4A10 Fab light chain'
4 non-polymer 2-acetamido-2-deoxy-beta-D-glucopyranose
#
loop_
_entity_poly.entity_id
_entity_poly.type
_entity_poly.pdbx_seq_one_letter_code
_entity_poly.pdbx_strand_id
1 'polypeptide(L)'
;GSHMESGYAQNGDLEDAELDDYSFSCYSQLEVNGSQHSLTCAFEDPDVNTTNLEFEICGALVEVKCLNFRKLQEIYFIET
KKFLLIGKSNICVKVGEKSLTCKKIDLTTIVKPEAPFDLSVVYREGANDFVVTFNTSHLQKKYVKVLMHDVAYRQEKDEN
KWTHVNLSSTKLTLLQRKLQPAAMYEIKVRSIPDHYFKGFWSEWSPSYYFRTPEINNSSGEMD
;
C
2 'polypeptide(L)'
;QVQLQQPGAELVMPGASVKLSCKASGYTFTSYWMHWVKQRPGEGLEWIGEIDPSDSYTNDNQKFKGKATLTVDKSSSTAY
MQLSSLTSEDSAVYYCARRLYSNSYYYAMDYWGQGTSVTVSSAKTTPPSVYPLAPGSAAQTNSMVTLGCLVKGYFPEPVT
VTWNSGSLSSGVHTFPAVLQSDLYTLSSSVTVPSSTWPSQTVTCNVAHPASSTKVDKKIVPRDCG
;
H
3 'polypeptide(L)'
;DIQMTQSPSSLSASLGGKVTITCKASQDIKKYIAWYQHKPGKGPRLLIHYTSTLQPGIPSRFSGSGSGRDYSFSISNLEP
VDIATYYCLQYDNLLTFGAGTKLELKRADAAPTVSIFPPSSEQLTSGGASVVCFLNNFYPRDINVKWKIDGSERQNGVLN
SWTDQDSKDSTYNMSSTLTLTKDEYERHNSYTCEATHKTSTSPIVKSFNRNEC
;
L
#
loop_
_chem_comp.id
_chem_comp.type
_chem_comp.name
_chem_comp.formula
NAG D-saccharide, beta linking 2-acetamido-2-deoxy-beta-D-glucopyranose 'C8 H15 N O6'
#
# COMPACT_ATOMS: atom_id res chain seq x y z
N ASP A 21 -23.50 29.21 -18.19
CA ASP A 21 -22.94 28.88 -16.88
C ASP A 21 -23.60 29.71 -15.78
N TYR A 22 -23.24 29.43 -14.53
CA TYR A 22 -23.86 30.10 -13.40
C TYR A 22 -22.83 30.81 -12.54
N SER A 23 -22.12 31.77 -13.14
CA SER A 23 -21.11 32.52 -12.41
C SER A 23 -21.78 33.51 -11.45
N PHE A 24 -20.97 34.04 -10.53
CA PHE A 24 -21.47 34.97 -9.53
C PHE A 24 -20.31 35.80 -9.01
N SER A 25 -20.64 36.96 -8.44
CA SER A 25 -19.66 37.88 -7.86
C SER A 25 -20.12 38.24 -6.46
N CYS A 26 -19.39 37.79 -5.45
CA CYS A 26 -19.74 38.01 -4.06
C CYS A 26 -19.07 39.27 -3.53
N TYR A 27 -19.58 39.76 -2.40
CA TYR A 27 -18.96 40.84 -1.66
C TYR A 27 -19.27 40.67 -0.18
N SER A 28 -18.29 40.97 0.66
CA SER A 28 -18.40 40.75 2.10
C SER A 28 -18.29 42.07 2.84
N GLN A 29 -18.93 42.13 4.01
CA GLN A 29 -18.84 43.25 4.92
C GLN A 29 -18.29 42.77 6.25
N LEU A 30 -17.21 43.41 6.69
CA LEU A 30 -16.60 43.17 8.00
C LEU A 30 -15.55 44.24 8.30
N GLU A 31 -15.86 45.13 9.24
CA GLU A 31 -14.89 46.12 9.72
C GLU A 31 -14.36 45.79 11.10
N VAL A 32 -14.88 44.75 11.75
CA VAL A 32 -14.43 44.35 13.08
C VAL A 32 -14.71 42.86 13.28
N GLN A 36 -21.02 42.36 12.40
CA GLN A 36 -21.04 40.92 12.23
C GLN A 36 -20.51 40.54 10.85
N HIS A 37 -19.73 39.45 10.79
CA HIS A 37 -19.16 38.94 9.55
C HIS A 37 -20.28 38.60 8.56
N SER A 38 -20.39 39.36 7.47
CA SER A 38 -21.43 39.10 6.49
C SER A 38 -20.82 38.88 5.11
N LEU A 39 -21.45 37.99 4.33
CA LEU A 39 -21.01 37.67 2.98
C LEU A 39 -22.23 37.49 2.10
N THR A 40 -22.28 38.22 0.99
CA THR A 40 -23.40 38.17 0.06
C THR A 40 -22.91 37.73 -1.30
N CYS A 41 -23.79 37.06 -2.05
CA CYS A 41 -23.47 36.61 -3.40
C CYS A 41 -24.69 36.80 -4.28
N ALA A 42 -24.50 37.51 -5.39
CA ALA A 42 -25.57 37.77 -6.35
C ALA A 42 -25.19 37.14 -7.69
N PHE A 43 -26.14 36.42 -8.28
CA PHE A 43 -25.88 35.77 -9.55
C PHE A 43 -25.60 36.80 -10.65
N GLU A 44 -24.62 36.48 -11.49
CA GLU A 44 -24.30 37.34 -12.63
C GLU A 44 -25.11 36.99 -13.87
N ASP A 45 -25.52 35.73 -14.00
CA ASP A 45 -26.35 35.35 -15.13
C ASP A 45 -27.71 36.03 -15.03
N PRO A 46 -28.26 36.51 -16.16
CA PRO A 46 -29.45 37.36 -16.10
C PRO A 46 -30.70 36.68 -15.56
N ASP A 47 -31.07 35.54 -16.15
CA ASP A 47 -32.34 34.87 -15.83
C ASP A 47 -32.05 33.43 -15.40
N VAL A 48 -31.67 33.26 -14.14
CA VAL A 48 -31.52 31.93 -13.55
C VAL A 48 -32.83 31.57 -12.85
N ASN A 49 -33.20 30.28 -12.92
CA ASN A 49 -34.39 29.82 -12.21
C ASN A 49 -34.28 30.12 -10.72
N THR A 50 -33.07 30.00 -10.16
CA THR A 50 -32.80 30.33 -8.75
C THR A 50 -33.74 29.59 -7.79
N THR A 51 -34.18 28.40 -8.19
CA THR A 51 -35.03 27.56 -7.35
C THR A 51 -34.32 26.24 -7.09
N ASN A 52 -34.47 25.73 -5.86
CA ASN A 52 -33.91 24.45 -5.42
C ASN A 52 -32.38 24.49 -5.35
N LEU A 53 -31.75 25.47 -5.97
CA LEU A 53 -30.31 25.64 -5.89
C LEU A 53 -29.95 26.52 -4.70
N GLU A 54 -28.87 26.16 -4.01
CA GLU A 54 -28.47 26.85 -2.80
C GLU A 54 -26.96 27.01 -2.77
N PHE A 55 -26.51 28.12 -2.19
CA PHE A 55 -25.09 28.39 -2.07
C PHE A 55 -24.51 27.70 -0.83
N GLU A 56 -23.20 27.52 -0.83
CA GLU A 56 -22.51 26.84 0.25
C GLU A 56 -21.12 27.43 0.38
N ILE A 57 -20.67 27.59 1.63
CA ILE A 57 -19.36 28.16 1.94
C ILE A 57 -18.60 27.12 2.76
N CYS A 58 -17.43 26.72 2.26
CA CYS A 58 -16.58 25.74 2.92
C CYS A 58 -15.19 26.33 3.15
N GLY A 59 -14.51 25.82 4.18
CA GLY A 59 -13.19 26.31 4.52
C GLY A 59 -13.25 27.59 5.33
N ALA A 60 -12.25 27.79 6.19
CA ALA A 60 -12.15 28.97 7.06
C ALA A 60 -13.41 29.11 7.94
N LEU A 61 -13.83 27.99 8.52
CA LEU A 61 -14.96 27.95 9.43
C LEU A 61 -14.51 27.33 10.75
N VAL A 62 -15.38 27.43 11.76
CA VAL A 62 -15.02 27.00 13.11
C VAL A 62 -15.46 25.57 13.35
N GLU A 63 -16.76 25.34 13.51
CA GLU A 63 -17.27 24.05 13.97
C GLU A 63 -17.53 23.08 12.82
N VAL A 64 -18.11 23.53 11.72
CA VAL A 64 -18.44 22.68 10.60
C VAL A 64 -17.63 23.10 9.38
N LYS A 65 -17.28 22.11 8.55
CA LYS A 65 -16.44 22.40 7.38
C LYS A 65 -17.20 23.19 6.33
N CYS A 66 -18.52 23.07 6.28
CA CYS A 66 -19.33 23.75 5.28
C CYS A 66 -20.60 24.29 5.94
N LEU A 67 -21.12 25.38 5.38
CA LEU A 67 -22.32 26.03 5.89
C LEU A 67 -23.14 26.53 4.70
N ASN A 68 -24.46 26.51 4.84
CA ASN A 68 -25.36 26.86 3.76
C ASN A 68 -25.83 28.30 3.88
N PHE A 69 -26.00 28.95 2.73
CA PHE A 69 -26.42 30.35 2.67
C PHE A 69 -27.91 30.46 3.01
N ARG A 70 -28.45 31.66 2.83
CA ARG A 70 -29.88 31.92 2.98
C ARG A 70 -30.32 32.82 1.84
N LYS A 71 -31.37 32.41 1.13
CA LYS A 71 -31.78 33.11 -0.08
C LYS A 71 -32.78 34.22 0.23
N LEU A 72 -32.70 35.30 -0.54
CA LEU A 72 -33.66 36.39 -0.45
C LEU A 72 -33.69 37.11 -1.78
N GLN A 73 -34.87 37.22 -2.39
CA GLN A 73 -35.02 37.73 -3.74
C GLN A 73 -34.21 36.87 -4.70
N GLU A 74 -33.00 37.32 -5.05
CA GLU A 74 -32.08 36.54 -5.85
C GLU A 74 -30.67 36.55 -5.28
N ILE A 75 -30.47 37.17 -4.12
CA ILE A 75 -29.17 37.27 -3.48
C ILE A 75 -29.11 36.28 -2.32
N TYR A 76 -27.97 35.62 -2.18
CA TYR A 76 -27.72 34.72 -1.07
C TYR A 76 -26.88 35.42 -0.02
N PHE A 77 -27.19 35.16 1.24
CA PHE A 77 -26.66 35.90 2.38
C PHE A 77 -26.21 34.91 3.44
N ILE A 78 -25.02 35.12 3.98
CA ILE A 78 -24.53 34.34 5.12
C ILE A 78 -23.91 35.30 6.13
N GLU A 79 -24.46 35.31 7.34
CA GLU A 79 -24.03 36.21 8.39
C GLU A 79 -23.69 35.37 9.61
N THR A 80 -22.40 35.13 9.84
CA THR A 80 -21.96 34.31 10.96
C THR A 80 -20.56 34.73 11.35
N LYS A 81 -20.36 35.00 12.64
CA LYS A 81 -19.06 35.40 13.17
C LYS A 81 -18.09 34.23 13.29
N LYS A 82 -18.46 33.04 12.81
CA LYS A 82 -17.61 31.86 12.88
C LYS A 82 -16.67 31.74 11.68
N PHE A 83 -16.24 32.86 11.09
CA PHE A 83 -15.32 32.85 9.98
C PHE A 83 -13.88 32.97 10.47
N LEU A 84 -13.00 32.17 9.87
CA LEU A 84 -11.59 32.22 10.24
C LEU A 84 -10.83 33.30 9.50
N LEU A 85 -11.36 33.80 8.38
CA LEU A 85 -10.77 34.89 7.61
C LEU A 85 -9.38 34.57 7.09
N ILE A 86 -9.04 33.29 7.00
CA ILE A 86 -7.72 32.88 6.53
C ILE A 86 -7.87 32.06 5.26
N GLY A 87 -6.88 32.18 4.37
CA GLY A 87 -6.88 31.47 3.12
C GLY A 87 -8.05 31.84 2.21
N LYS A 88 -8.18 31.07 1.13
CA LYS A 88 -9.25 31.23 0.17
C LYS A 88 -10.36 30.24 0.50
N SER A 89 -11.56 30.74 0.75
CA SER A 89 -12.70 29.90 1.05
C SER A 89 -13.44 29.52 -0.23
N ASN A 90 -14.09 28.35 -0.18
CA ASN A 90 -14.70 27.74 -1.36
C ASN A 90 -16.21 27.98 -1.32
N ILE A 91 -16.69 28.81 -2.24
CA ILE A 91 -18.11 29.07 -2.41
C ILE A 91 -18.61 28.24 -3.59
N CYS A 92 -19.56 27.36 -3.33
CA CYS A 92 -20.11 26.48 -4.35
C CYS A 92 -21.62 26.64 -4.41
N VAL A 93 -22.19 26.08 -5.48
CA VAL A 93 -23.63 26.04 -5.69
C VAL A 93 -24.06 24.59 -5.82
N LYS A 94 -25.05 24.18 -5.03
CA LYS A 94 -25.52 22.81 -5.01
C LYS A 94 -27.02 22.76 -5.31
N VAL A 95 -27.42 21.79 -6.11
CA VAL A 95 -28.83 21.53 -6.41
C VAL A 95 -29.14 20.15 -5.82
N GLY A 96 -29.57 20.13 -4.56
CA GLY A 96 -29.80 18.88 -3.87
C GLY A 96 -28.59 18.40 -3.12
N GLU A 97 -27.87 17.43 -3.69
CA GLU A 97 -26.64 16.93 -3.10
C GLU A 97 -25.49 16.89 -4.10
N LYS A 98 -25.70 17.39 -5.32
CA LYS A 98 -24.67 17.46 -6.35
C LYS A 98 -24.25 18.92 -6.54
N SER A 99 -22.94 19.13 -6.66
CA SER A 99 -22.41 20.47 -6.86
C SER A 99 -22.62 20.92 -8.30
N LEU A 100 -22.91 22.21 -8.47
CA LEU A 100 -23.16 22.80 -9.79
C LEU A 100 -21.98 23.62 -10.30
N THR A 101 -21.35 24.39 -9.42
CA THR A 101 -20.16 25.16 -9.76
C THR A 101 -19.48 25.55 -8.46
N CYS A 102 -18.21 25.93 -8.57
CA CYS A 102 -17.43 26.31 -7.39
C CYS A 102 -16.45 27.41 -7.75
N LYS A 103 -16.03 28.15 -6.72
CA LYS A 103 -15.00 29.17 -6.83
C LYS A 103 -14.31 29.25 -5.48
N LYS A 104 -13.09 29.78 -5.47
CA LYS A 104 -12.32 29.91 -4.23
C LYS A 104 -11.75 31.32 -4.15
N ILE A 105 -12.24 32.09 -3.18
CA ILE A 105 -11.96 33.52 -3.09
C ILE A 105 -11.52 33.85 -1.67
N ASP A 106 -10.62 34.82 -1.55
CA ASP A 106 -10.24 35.35 -0.26
C ASP A 106 -11.25 36.40 0.18
N LEU A 107 -11.81 36.22 1.39
CA LEU A 107 -12.88 37.09 1.85
C LEU A 107 -12.38 38.49 2.20
N THR A 108 -11.08 38.66 2.44
CA THR A 108 -10.54 39.96 2.78
C THR A 108 -10.46 40.90 1.59
N THR A 109 -10.48 40.37 0.37
CA THR A 109 -10.41 41.19 -0.83
C THR A 109 -11.77 41.65 -1.32
N ILE A 110 -12.82 40.88 -1.03
CA ILE A 110 -14.17 41.21 -1.49
C ILE A 110 -14.84 42.03 -0.37
N VAL A 111 -14.62 43.35 -0.42
CA VAL A 111 -15.20 44.27 0.56
C VAL A 111 -15.89 45.39 -0.19
N LYS A 112 -17.16 45.64 0.13
CA LYS A 112 -17.88 46.70 -0.53
C LYS A 112 -17.49 48.07 0.05
N PRO A 113 -17.56 49.14 -0.75
CA PRO A 113 -17.23 50.48 -0.26
C PRO A 113 -18.31 51.05 0.65
N GLN B 1 -16.71 0.89 -10.65
CA GLN B 1 -15.74 0.77 -11.74
C GLN B 1 -14.93 2.06 -11.87
N VAL B 2 -14.09 2.33 -10.87
CA VAL B 2 -13.24 3.51 -10.85
C VAL B 2 -11.79 3.04 -10.86
N GLN B 3 -11.04 3.44 -11.87
CA GLN B 3 -9.66 3.01 -12.07
C GLN B 3 -8.71 4.19 -11.83
N LEU B 4 -7.70 3.95 -10.99
CA LEU B 4 -6.61 4.91 -10.76
C LEU B 4 -5.31 4.19 -11.08
N GLN B 5 -4.65 4.60 -12.17
CA GLN B 5 -3.46 3.93 -12.66
C GLN B 5 -2.24 4.83 -12.45
N GLN B 6 -1.17 4.23 -11.93
CA GLN B 6 0.12 4.87 -11.76
C GLN B 6 1.19 3.87 -12.20
N PRO B 7 2.37 4.35 -12.59
CA PRO B 7 3.48 3.43 -12.86
C PRO B 7 3.86 2.66 -11.60
N GLY B 8 4.19 1.39 -11.79
CA GLY B 8 4.46 0.53 -10.64
C GLY B 8 5.65 0.97 -9.83
N ALA B 9 6.75 1.35 -10.51
CA ALA B 9 7.96 1.76 -9.83
C ALA B 9 8.83 2.55 -10.79
N GLU B 10 9.59 3.49 -10.25
CA GLU B 10 10.52 4.29 -11.03
C GLU B 10 11.81 4.49 -10.24
N LEU B 11 12.94 4.44 -10.93
CA LEU B 11 14.26 4.63 -10.34
C LEU B 11 14.88 5.88 -10.93
N VAL B 12 15.12 6.88 -10.08
CA VAL B 12 15.80 8.10 -10.48
C VAL B 12 16.79 8.48 -9.39
N MET B 13 18.02 8.82 -9.79
CA MET B 13 19.08 9.13 -8.84
C MET B 13 18.72 10.36 -8.01
N PRO B 14 19.29 10.49 -6.81
CA PRO B 14 18.98 11.65 -5.97
C PRO B 14 19.49 12.95 -6.58
N GLY B 15 18.90 14.04 -6.11
CA GLY B 15 19.24 15.36 -6.59
C GLY B 15 18.41 15.85 -7.76
N ALA B 16 17.65 14.98 -8.40
CA ALA B 16 16.85 15.37 -9.56
C ALA B 16 15.42 15.69 -9.11
N SER B 17 14.50 15.78 -10.07
CA SER B 17 13.11 16.09 -9.79
C SER B 17 12.23 15.28 -10.75
N VAL B 18 11.36 14.45 -10.19
CA VAL B 18 10.49 13.59 -10.98
C VAL B 18 9.05 14.09 -10.86
N LYS B 19 8.17 13.52 -11.66
CA LYS B 19 6.75 13.85 -11.65
C LYS B 19 5.95 12.55 -11.76
N LEU B 20 5.43 12.08 -10.64
CA LEU B 20 4.60 10.88 -10.62
C LEU B 20 3.20 11.21 -11.12
N SER B 21 2.64 10.30 -11.91
CA SER B 21 1.36 10.50 -12.56
C SER B 21 0.28 9.66 -11.88
N CYS B 22 -0.97 10.06 -12.12
CA CYS B 22 -2.13 9.34 -11.61
C CYS B 22 -3.27 9.57 -12.60
N LYS B 23 -3.57 8.56 -13.40
CA LYS B 23 -4.62 8.65 -14.41
C LYS B 23 -5.91 8.03 -13.88
N ALA B 24 -6.99 8.79 -13.96
CA ALA B 24 -8.29 8.38 -13.45
C ALA B 24 -9.23 8.05 -14.60
N SER B 25 -10.08 7.04 -14.40
CA SER B 25 -11.08 6.68 -15.39
C SER B 25 -12.30 6.12 -14.68
N GLY B 26 -13.49 6.47 -15.19
CA GLY B 26 -14.74 5.98 -14.65
C GLY B 26 -15.58 7.02 -13.96
N TYR B 27 -15.17 8.29 -13.95
CA TYR B 27 -15.95 9.34 -13.31
C TYR B 27 -15.54 10.68 -13.88
N THR B 28 -16.36 11.69 -13.62
CA THR B 28 -16.07 13.05 -14.08
C THR B 28 -14.89 13.61 -13.30
N PHE B 29 -13.87 14.08 -14.02
CA PHE B 29 -12.60 14.41 -13.39
C PHE B 29 -12.69 15.69 -12.58
N THR B 30 -13.52 16.65 -13.00
CA THR B 30 -13.66 17.92 -12.31
C THR B 30 -14.67 17.87 -11.17
N SER B 31 -15.06 16.67 -10.73
CA SER B 31 -16.06 16.51 -9.69
C SER B 31 -15.54 15.91 -8.40
N TYR B 32 -14.35 15.29 -8.42
CA TYR B 32 -13.77 14.67 -7.25
C TYR B 32 -12.34 15.16 -7.07
N TRP B 33 -11.89 15.18 -5.81
CA TRP B 33 -10.55 15.62 -5.49
C TRP B 33 -9.60 14.43 -5.44
N MET B 34 -8.30 14.73 -5.41
CA MET B 34 -7.25 13.73 -5.44
C MET B 34 -6.30 13.94 -4.26
N HIS B 35 -5.93 12.85 -3.59
CA HIS B 35 -5.02 12.86 -2.46
C HIS B 35 -3.82 11.97 -2.75
N TRP B 36 -2.71 12.26 -2.07
CA TRP B 36 -1.48 11.51 -2.21
C TRP B 36 -0.98 11.09 -0.85
N VAL B 37 -0.46 9.86 -0.77
CA VAL B 37 -0.01 9.26 0.49
C VAL B 37 1.35 8.64 0.29
N LYS B 38 2.29 8.97 1.18
CA LYS B 38 3.63 8.39 1.19
C LYS B 38 3.70 7.30 2.25
N GLN B 39 4.31 6.17 1.90
CA GLN B 39 4.47 5.05 2.80
C GLN B 39 5.89 4.52 2.73
N ARG B 40 6.61 4.60 3.84
CA ARG B 40 7.94 4.02 3.94
C ARG B 40 7.83 2.50 4.02
N PRO B 41 8.93 1.78 3.77
CA PRO B 41 8.85 0.30 3.79
C PRO B 41 8.24 -0.28 5.07
N GLY B 42 8.69 0.17 6.23
CA GLY B 42 8.17 -0.35 7.48
C GLY B 42 7.14 0.55 8.13
N GLU B 43 7.11 1.82 7.75
CA GLU B 43 6.22 2.79 8.35
C GLU B 43 4.81 2.65 7.78
N GLY B 44 3.90 3.49 8.27
CA GLY B 44 2.53 3.47 7.81
C GLY B 44 2.24 4.47 6.71
N LEU B 45 1.08 5.11 6.78
CA LEU B 45 0.64 6.05 5.75
C LEU B 45 0.81 7.48 6.23
N GLU B 46 1.23 8.36 5.32
CA GLU B 46 1.46 9.76 5.63
C GLU B 46 0.86 10.60 4.51
N TRP B 47 -0.18 11.38 4.82
CA TRP B 47 -0.82 12.20 3.81
C TRP B 47 0.10 13.35 3.40
N ILE B 48 0.20 13.59 2.10
CA ILE B 48 1.08 14.62 1.55
C ILE B 48 0.31 15.88 1.22
N GLY B 49 -0.82 15.74 0.53
CA GLY B 49 -1.61 16.91 0.16
C GLY B 49 -2.80 16.50 -0.68
N GLU B 50 -3.61 17.50 -1.01
CA GLU B 50 -4.79 17.30 -1.84
C GLU B 50 -4.89 18.43 -2.86
N ILE B 51 -5.41 18.07 -4.04
CA ILE B 51 -5.53 18.98 -5.17
C ILE B 51 -6.99 19.00 -5.62
N ASP B 52 -7.45 20.18 -6.04
CA ASP B 52 -8.80 20.32 -6.59
C ASP B 52 -8.70 20.51 -8.09
N PRO B 53 -9.16 19.56 -8.91
CA PRO B 53 -9.03 19.71 -10.37
C PRO B 53 -9.83 20.85 -10.96
N SER B 54 -10.74 21.46 -10.21
CA SER B 54 -11.56 22.54 -10.76
C SER B 54 -10.73 23.77 -11.07
N ASP B 55 -9.80 24.13 -10.17
CA ASP B 55 -8.95 25.29 -10.41
C ASP B 55 -7.56 25.16 -9.83
N SER B 56 -7.06 23.93 -9.62
CA SER B 56 -5.69 23.67 -9.17
C SER B 56 -5.42 24.30 -7.80
N TYR B 57 -6.39 24.19 -6.90
CA TYR B 57 -6.22 24.64 -5.53
C TYR B 57 -5.61 23.52 -4.69
N THR B 58 -4.63 23.88 -3.87
CA THR B 58 -3.85 22.90 -3.11
C THR B 58 -4.05 23.09 -1.62
N ASN B 59 -4.22 21.97 -0.92
CA ASN B 59 -4.14 21.93 0.55
C ASN B 59 -3.11 20.85 0.88
N ASP B 60 -1.87 21.27 1.13
CA ASP B 60 -0.76 20.34 1.27
C ASP B 60 -0.26 20.31 2.72
N ASN B 61 0.35 19.19 3.08
CA ASN B 61 0.98 19.07 4.39
C ASN B 61 2.25 19.89 4.42
N GLN B 62 2.49 20.55 5.56
CA GLN B 62 3.68 21.40 5.70
C GLN B 62 4.96 20.60 5.81
N LYS B 63 4.88 19.29 6.06
CA LYS B 63 6.09 18.48 6.11
C LYS B 63 6.75 18.36 4.75
N PHE B 64 5.98 18.50 3.67
CA PHE B 64 6.47 18.35 2.31
C PHE B 64 6.46 19.67 1.56
N LYS B 65 6.84 20.75 2.22
CA LYS B 65 6.89 22.06 1.57
C LYS B 65 8.11 22.13 0.65
N GLY B 66 7.89 22.59 -0.58
CA GLY B 66 8.94 22.65 -1.58
C GLY B 66 9.30 21.32 -2.21
N LYS B 67 8.98 20.20 -1.56
CA LYS B 67 9.28 18.88 -2.12
C LYS B 67 8.18 18.44 -3.08
N ALA B 68 6.95 18.35 -2.60
CA ALA B 68 5.82 17.93 -3.42
C ALA B 68 5.07 19.15 -3.94
N THR B 69 4.67 19.08 -5.22
CA THR B 69 3.90 20.14 -5.86
C THR B 69 2.82 19.48 -6.70
N LEU B 70 1.57 19.54 -6.23
CA LEU B 70 0.47 18.88 -6.89
C LEU B 70 -0.03 19.72 -8.06
N THR B 71 -0.01 19.14 -9.25
CA THR B 71 -0.54 19.77 -10.46
C THR B 71 -1.57 18.85 -11.09
N VAL B 72 -2.24 19.34 -12.12
CA VAL B 72 -3.32 18.59 -12.74
C VAL B 72 -3.43 18.98 -14.21
N ASP B 73 -3.62 17.97 -15.07
CA ASP B 73 -3.93 18.15 -16.48
C ASP B 73 -5.36 17.67 -16.68
N LYS B 74 -6.27 18.61 -16.97
CA LYS B 74 -7.69 18.29 -17.06
C LYS B 74 -8.07 17.61 -18.37
N SER B 75 -7.37 17.93 -19.46
CA SER B 75 -7.70 17.34 -20.75
C SER B 75 -7.49 15.83 -20.73
N SER B 76 -6.35 15.39 -20.20
CA SER B 76 -6.06 13.97 -20.09
C SER B 76 -6.66 13.33 -18.85
N SER B 77 -7.33 14.12 -17.99
CA SER B 77 -7.91 13.65 -16.74
C SER B 77 -6.85 12.95 -15.88
N THR B 78 -5.77 13.69 -15.60
CA THR B 78 -4.62 13.15 -14.89
C THR B 78 -4.16 14.13 -13.84
N ALA B 79 -3.68 13.60 -12.71
CA ALA B 79 -3.13 14.40 -11.63
C ALA B 79 -1.68 14.03 -11.41
N TYR B 80 -0.81 15.03 -11.24
CA TYR B 80 0.61 14.82 -11.11
C TYR B 80 1.11 15.34 -9.77
N MET B 81 2.15 14.69 -9.26
CA MET B 81 2.87 15.15 -8.08
C MET B 81 4.35 15.27 -8.44
N GLN B 82 4.89 16.48 -8.40
CA GLN B 82 6.29 16.72 -8.72
C GLN B 82 7.11 16.74 -7.45
N LEU B 83 8.09 15.83 -7.38
CA LEU B 83 9.02 15.75 -6.25
C LEU B 83 10.37 16.28 -6.69
N SER B 84 10.82 17.35 -6.05
CA SER B 84 12.09 17.99 -6.39
C SER B 84 13.12 17.72 -5.30
N SER B 85 14.39 17.75 -5.70
CA SER B 85 15.53 17.50 -4.81
C SER B 85 15.37 16.17 -4.08
N LEU B 86 15.43 15.10 -4.87
CA LEU B 86 15.24 13.76 -4.33
C LEU B 86 16.42 13.35 -3.47
N THR B 87 16.12 12.66 -2.36
CA THR B 87 17.14 12.13 -1.46
C THR B 87 16.74 10.72 -1.05
N SER B 88 17.59 10.09 -0.24
CA SER B 88 17.32 8.72 0.18
C SER B 88 16.12 8.63 1.11
N GLU B 89 15.80 9.70 1.82
CA GLU B 89 14.63 9.72 2.69
C GLU B 89 13.32 9.90 1.93
N ASP B 90 13.36 9.93 0.60
CA ASP B 90 12.16 10.02 -0.21
C ASP B 90 11.78 8.71 -0.87
N SER B 91 12.63 7.68 -0.77
CA SER B 91 12.35 6.38 -1.37
C SER B 91 11.20 5.73 -0.61
N ALA B 92 9.99 5.82 -1.18
CA ALA B 92 8.79 5.29 -0.54
C ALA B 92 7.76 5.01 -1.61
N VAL B 93 6.67 4.36 -1.21
CA VAL B 93 5.55 4.07 -2.10
C VAL B 93 4.58 5.23 -2.04
N TYR B 94 4.20 5.75 -3.21
CA TYR B 94 3.33 6.91 -3.30
C TYR B 94 2.00 6.49 -3.92
N TYR B 95 0.95 6.47 -3.10
CA TYR B 95 -0.40 6.16 -3.56
C TYR B 95 -1.14 7.44 -3.92
N CYS B 96 -1.97 7.37 -4.95
CA CYS B 96 -2.94 8.41 -5.24
C CYS B 96 -4.34 7.83 -5.06
N ALA B 97 -5.23 8.62 -4.47
CA ALA B 97 -6.56 8.15 -4.13
C ALA B 97 -7.59 9.23 -4.48
N ARG B 98 -8.77 8.78 -4.90
CA ARG B 98 -9.86 9.70 -5.21
C ARG B 98 -10.60 10.06 -3.93
N ARG B 99 -10.82 11.36 -3.72
CA ARG B 99 -11.54 11.81 -2.55
C ARG B 99 -13.04 11.60 -2.73
N LEU B 100 -13.75 11.48 -1.62
CA LEU B 100 -15.20 11.41 -1.66
C LEU B 100 -15.79 12.70 -2.20
N TYR B 101 -17.05 12.63 -2.59
CA TYR B 101 -17.74 13.79 -3.15
C TYR B 101 -18.05 14.79 -2.04
N SER B 102 -17.33 15.90 -2.02
CA SER B 102 -17.52 16.93 -1.01
C SER B 102 -16.84 18.21 -1.48
N ASN B 103 -17.36 19.35 -1.01
CA ASN B 103 -16.74 20.63 -1.23
C ASN B 103 -15.86 21.06 -0.06
N SER B 104 -15.86 20.30 1.03
CA SER B 104 -15.03 20.62 2.18
C SER B 104 -13.56 20.43 1.83
N TYR B 105 -12.69 20.94 2.71
CA TYR B 105 -11.26 20.85 2.48
C TYR B 105 -10.70 19.50 2.94
N TYR B 106 -10.75 19.24 4.24
CA TYR B 106 -10.17 18.01 4.80
C TYR B 106 -11.25 16.93 4.84
N TYR B 107 -11.16 15.98 3.91
CA TYR B 107 -12.10 14.88 3.82
C TYR B 107 -11.35 13.61 3.41
N ALA B 108 -11.95 12.47 3.73
CA ALA B 108 -11.31 11.18 3.51
C ALA B 108 -11.49 10.74 2.05
N MET B 109 -10.86 9.62 1.71
CA MET B 109 -10.93 9.04 0.37
C MET B 109 -11.53 7.64 0.43
N ASP B 110 -11.96 7.15 -0.73
CA ASP B 110 -12.58 5.84 -0.82
C ASP B 110 -11.79 4.88 -1.70
N TYR B 111 -11.58 5.21 -2.98
CA TYR B 111 -10.84 4.36 -3.90
C TYR B 111 -9.40 4.84 -3.99
N TRP B 112 -8.47 3.89 -4.06
CA TRP B 112 -7.04 4.15 -4.04
C TRP B 112 -6.41 3.70 -5.35
N GLY B 113 -5.09 3.92 -5.45
CA GLY B 113 -4.29 3.42 -6.54
C GLY B 113 -3.34 2.32 -6.07
N GLN B 114 -2.58 1.80 -7.04
CA GLN B 114 -1.65 0.72 -6.74
C GLN B 114 -0.35 1.21 -6.12
N GLY B 115 -0.01 2.49 -6.31
CA GLY B 115 1.18 3.05 -5.71
C GLY B 115 2.43 2.87 -6.52
N THR B 116 3.30 3.88 -6.51
CA THR B 116 4.57 3.85 -7.23
C THR B 116 5.70 3.62 -6.23
N SER B 117 6.35 2.47 -6.33
CA SER B 117 7.45 2.12 -5.43
C SER B 117 8.71 2.81 -5.91
N VAL B 118 8.89 4.05 -5.47
CA VAL B 118 10.04 4.86 -5.88
C VAL B 118 11.27 4.42 -5.09
N THR B 119 12.38 4.19 -5.80
CA THR B 119 13.64 3.82 -5.19
C THR B 119 14.68 4.85 -5.58
N VAL B 120 15.26 5.52 -4.58
CA VAL B 120 16.25 6.57 -4.79
C VAL B 120 17.61 6.01 -4.43
N SER B 121 18.48 5.85 -5.43
CA SER B 121 19.82 5.32 -5.21
C SER B 121 20.68 5.64 -6.43
N SER B 122 21.94 5.95 -6.18
CA SER B 122 22.89 6.26 -7.25
C SER B 122 23.56 5.01 -7.82
N ALA B 123 23.11 3.82 -7.42
CA ALA B 123 23.71 2.59 -7.92
C ALA B 123 23.33 2.36 -9.38
N LYS B 124 24.06 1.46 -10.02
CA LYS B 124 23.84 1.14 -11.42
C LYS B 124 22.78 0.05 -11.57
N THR B 125 22.01 0.15 -12.66
CA THR B 125 21.02 -0.88 -12.95
C THR B 125 21.71 -2.17 -13.36
N THR B 126 21.31 -3.27 -12.73
CA THR B 126 21.95 -4.56 -12.93
C THR B 126 20.92 -5.60 -13.31
N PRO B 127 21.14 -6.38 -14.37
CA PRO B 127 20.22 -7.46 -14.72
C PRO B 127 20.31 -8.60 -13.71
N PRO B 128 19.25 -9.38 -13.57
CA PRO B 128 19.26 -10.45 -12.56
C PRO B 128 20.02 -11.69 -13.03
N SER B 129 20.55 -12.42 -12.05
CA SER B 129 21.22 -13.70 -12.27
C SER B 129 20.32 -14.80 -11.72
N VAL B 130 19.79 -15.63 -12.63
CA VAL B 130 18.78 -16.62 -12.29
C VAL B 130 19.42 -18.00 -12.26
N TYR B 131 19.07 -18.79 -11.25
CA TYR B 131 19.57 -20.14 -11.05
C TYR B 131 18.44 -21.08 -10.69
N PRO B 132 18.42 -22.29 -11.23
CA PRO B 132 17.40 -23.26 -10.85
C PRO B 132 17.73 -23.94 -9.53
N LEU B 133 16.74 -24.63 -8.98
CA LEU B 133 16.90 -25.36 -7.72
C LEU B 133 16.11 -26.67 -7.85
N ALA B 134 16.81 -27.73 -8.26
CA ALA B 134 16.32 -29.08 -8.42
C ALA B 134 16.63 -29.91 -7.17
N PRO B 135 15.87 -30.98 -6.93
CA PRO B 135 16.12 -31.77 -5.71
C PRO B 135 17.51 -32.39 -5.66
N GLY B 136 18.04 -32.80 -6.80
CA GLY B 136 19.37 -33.40 -6.84
C GLY B 136 19.30 -34.92 -6.82
N SER B 137 20.10 -35.53 -5.96
CA SER B 137 20.15 -36.98 -5.84
C SER B 137 19.21 -37.53 -4.77
N ALA B 138 18.33 -36.68 -4.22
CA ALA B 138 17.40 -37.11 -3.19
C ALA B 138 16.34 -38.04 -3.75
N THR B 141 11.08 -39.05 -3.93
CA THR B 141 10.52 -40.38 -3.77
C THR B 141 9.34 -40.37 -2.79
N ASN B 142 8.35 -39.53 -3.07
CA ASN B 142 7.17 -39.42 -2.23
C ASN B 142 5.91 -39.23 -3.08
N SER B 143 5.18 -38.14 -2.82
CA SER B 143 3.98 -37.81 -3.58
C SER B 143 4.05 -36.43 -4.22
N MET B 144 4.67 -35.46 -3.56
CA MET B 144 4.86 -34.12 -4.10
C MET B 144 6.34 -33.79 -4.12
N VAL B 145 6.73 -32.95 -5.07
CA VAL B 145 8.12 -32.53 -5.24
C VAL B 145 8.15 -31.01 -5.33
N THR B 146 9.08 -30.39 -4.61
CA THR B 146 9.22 -28.94 -4.60
C THR B 146 10.42 -28.53 -5.45
N LEU B 147 10.24 -27.49 -6.24
CA LEU B 147 11.27 -26.97 -7.12
C LEU B 147 11.41 -25.46 -6.90
N GLY B 148 12.65 -24.97 -6.90
CA GLY B 148 12.92 -23.59 -6.57
C GLY B 148 13.62 -22.83 -7.67
N CYS B 149 13.63 -21.51 -7.52
CA CYS B 149 14.25 -20.61 -8.48
C CYS B 149 14.84 -19.43 -7.73
N LEU B 150 16.16 -19.27 -7.78
CA LEU B 150 16.84 -18.20 -7.07
C LEU B 150 17.24 -17.11 -8.06
N VAL B 151 17.13 -15.85 -7.63
CA VAL B 151 17.42 -14.70 -8.46
C VAL B 151 18.27 -13.76 -7.63
N LYS B 152 19.58 -13.75 -7.90
CA LYS B 152 20.51 -12.94 -7.13
C LYS B 152 21.21 -11.92 -8.03
N GLY B 153 21.72 -10.87 -7.39
CA GLY B 153 22.51 -9.85 -8.07
C GLY B 153 21.74 -9.04 -9.09
N TYR B 154 20.77 -8.25 -8.63
CA TYR B 154 20.04 -7.36 -9.52
C TYR B 154 19.70 -6.06 -8.80
N PHE B 155 19.53 -5.00 -9.58
CA PHE B 155 19.16 -3.68 -9.10
C PHE B 155 18.62 -2.90 -10.28
N PRO B 156 17.52 -2.15 -10.13
CA PRO B 156 16.76 -2.01 -8.90
C PRO B 156 15.56 -2.96 -8.83
N GLU B 157 14.49 -2.49 -8.21
CA GLU B 157 13.21 -3.18 -8.11
C GLU B 157 12.23 -2.61 -9.12
N PRO B 158 11.22 -3.40 -9.53
CA PRO B 158 10.88 -4.75 -9.08
C PRO B 158 11.28 -5.86 -10.05
N VAL B 159 10.84 -7.08 -9.75
CA VAL B 159 11.08 -8.26 -10.57
C VAL B 159 9.82 -9.11 -10.54
N THR B 160 9.34 -9.49 -11.71
CA THR B 160 8.14 -10.33 -11.83
C THR B 160 8.57 -11.77 -12.09
N VAL B 161 8.24 -12.66 -11.17
CA VAL B 161 8.61 -14.06 -11.25
C VAL B 161 7.35 -14.91 -11.39
N THR B 162 7.32 -15.75 -12.43
CA THR B 162 6.20 -16.63 -12.70
C THR B 162 6.72 -18.01 -13.05
N TRP B 163 5.79 -18.95 -13.22
CA TRP B 163 6.10 -20.32 -13.59
C TRP B 163 5.28 -20.70 -14.81
N ASN B 164 5.95 -21.20 -15.85
CA ASN B 164 5.32 -21.53 -17.13
C ASN B 164 4.61 -20.32 -17.72
N SER B 165 5.20 -19.14 -17.53
CA SER B 165 4.66 -17.87 -18.03
C SER B 165 3.23 -17.64 -17.54
N GLY B 166 2.99 -17.97 -16.26
CA GLY B 166 1.70 -17.76 -15.64
C GLY B 166 0.80 -18.98 -15.61
N SER B 167 1.19 -20.07 -16.25
CA SER B 167 0.37 -21.27 -16.28
C SER B 167 0.41 -22.06 -14.98
N LEU B 168 1.20 -21.63 -14.00
CA LEU B 168 1.28 -22.28 -12.70
C LEU B 168 1.12 -21.23 -11.62
N SER B 169 0.10 -21.38 -10.79
CA SER B 169 -0.18 -20.43 -9.72
C SER B 169 -0.45 -21.10 -8.37
N SER B 170 -1.17 -22.21 -8.37
CA SER B 170 -1.45 -22.94 -7.13
C SER B 170 -0.18 -23.61 -6.64
N GLY B 171 0.50 -22.97 -5.68
CA GLY B 171 1.76 -23.48 -5.16
C GLY B 171 2.94 -22.56 -5.36
N VAL B 172 2.77 -21.37 -5.93
CA VAL B 172 3.87 -20.44 -6.16
C VAL B 172 4.06 -19.59 -4.92
N HIS B 173 5.31 -19.42 -4.49
CA HIS B 173 5.67 -18.62 -3.32
C HIS B 173 6.84 -17.72 -3.71
N THR B 174 6.52 -16.51 -4.17
CA THR B 174 7.54 -15.52 -4.52
C THR B 174 7.85 -14.70 -3.28
N PHE B 175 9.03 -14.89 -2.72
CA PHE B 175 9.41 -14.24 -1.47
C PHE B 175 9.88 -12.80 -1.73
N PRO B 176 9.65 -11.90 -0.78
CA PRO B 176 10.16 -10.53 -0.94
C PRO B 176 11.68 -10.50 -0.90
N ALA B 177 12.25 -9.61 -1.71
CA ALA B 177 13.70 -9.56 -1.86
C ALA B 177 14.35 -8.97 -0.61
N VAL B 178 15.66 -9.16 -0.51
CA VAL B 178 16.47 -8.66 0.59
C VAL B 178 17.69 -7.96 -0.01
N LEU B 179 17.81 -6.66 0.21
CA LEU B 179 18.94 -5.90 -0.30
C LEU B 179 20.19 -6.18 0.53
N GLN B 180 21.30 -6.45 -0.15
CA GLN B 180 22.58 -6.66 0.52
C GLN B 180 23.68 -6.23 -0.44
N SER B 181 24.55 -5.33 0.02
CA SER B 181 25.56 -4.70 -0.84
C SER B 181 24.91 -4.04 -2.06
N ASP B 182 23.72 -3.46 -1.85
CA ASP B 182 22.95 -2.83 -2.91
C ASP B 182 22.64 -3.80 -4.05
N LEU B 183 22.33 -5.04 -3.68
CA LEU B 183 21.92 -6.07 -4.64
C LEU B 183 20.83 -6.91 -4.00
N TYR B 184 19.67 -6.99 -4.67
CA TYR B 184 18.55 -7.73 -4.12
C TYR B 184 18.68 -9.22 -4.42
N THR B 185 17.93 -10.02 -3.67
CA THR B 185 17.93 -11.48 -3.81
C THR B 185 16.52 -11.99 -3.55
N LEU B 186 15.96 -12.72 -4.53
CA LEU B 186 14.61 -13.24 -4.46
C LEU B 186 14.63 -14.74 -4.65
N SER B 187 13.62 -15.41 -4.12
CA SER B 187 13.47 -16.85 -4.29
C SER B 187 12.00 -17.18 -4.56
N SER B 188 11.78 -18.19 -5.39
CA SER B 188 10.43 -18.65 -5.70
C SER B 188 10.39 -20.17 -5.57
N SER B 189 9.23 -20.69 -5.19
CA SER B 189 9.05 -22.11 -4.95
C SER B 189 7.74 -22.57 -5.59
N VAL B 190 7.72 -23.83 -6.03
CA VAL B 190 6.51 -24.41 -6.62
C VAL B 190 6.51 -25.91 -6.33
N THR B 191 5.37 -26.42 -5.87
CA THR B 191 5.21 -27.83 -5.55
C THR B 191 4.31 -28.49 -6.59
N VAL B 192 4.71 -29.66 -7.06
CA VAL B 192 4.03 -30.35 -8.16
C VAL B 192 4.00 -31.84 -7.84
N PRO B 193 2.91 -32.56 -8.19
CA PRO B 193 2.87 -34.01 -7.94
C PRO B 193 4.08 -34.77 -8.45
N SER B 194 4.33 -35.96 -7.89
CA SER B 194 5.55 -36.69 -8.16
C SER B 194 5.62 -37.15 -9.61
N SER B 195 4.63 -37.94 -10.05
CA SER B 195 4.62 -38.49 -11.39
C SER B 195 4.20 -37.44 -12.42
N THR B 196 4.55 -36.19 -12.18
CA THR B 196 4.16 -35.08 -13.04
C THR B 196 5.33 -34.24 -13.50
N TRP B 197 6.25 -33.89 -12.60
CA TRP B 197 7.37 -33.02 -12.97
C TRP B 197 8.24 -33.60 -14.07
N PRO B 198 8.71 -34.85 -14.02
CA PRO B 198 9.60 -35.33 -15.09
C PRO B 198 8.94 -35.30 -16.46
N SER B 199 7.69 -35.76 -16.57
CA SER B 199 7.03 -35.80 -17.87
C SER B 199 6.45 -34.45 -18.28
N GLN B 200 6.16 -33.57 -17.34
CA GLN B 200 5.59 -32.25 -17.62
C GLN B 200 6.52 -31.19 -17.04
N THR B 201 7.23 -30.50 -17.92
CA THR B 201 8.31 -29.61 -17.50
C THR B 201 7.78 -28.40 -16.74
N VAL B 202 8.62 -27.87 -15.86
CA VAL B 202 8.32 -26.68 -15.07
C VAL B 202 9.42 -25.66 -15.35
N THR B 203 9.01 -24.46 -15.75
CA THR B 203 9.95 -23.41 -16.16
C THR B 203 9.74 -22.16 -15.30
N CYS B 204 10.83 -21.62 -14.79
CA CYS B 204 10.83 -20.39 -14.00
C CYS B 204 11.13 -19.22 -14.93
N ASN B 205 10.24 -18.22 -14.93
CA ASN B 205 10.38 -17.03 -15.76
C ASN B 205 10.58 -15.82 -14.85
N VAL B 206 11.65 -15.07 -15.09
CA VAL B 206 12.04 -13.94 -14.26
C VAL B 206 12.23 -12.73 -15.16
N ALA B 207 11.40 -11.71 -14.98
CA ALA B 207 11.45 -10.50 -15.78
C ALA B 207 11.85 -9.30 -14.93
N HIS B 208 12.69 -8.45 -15.49
CA HIS B 208 13.18 -7.23 -14.85
C HIS B 208 13.03 -6.10 -15.84
N PRO B 209 12.09 -5.18 -15.63
CA PRO B 209 11.83 -4.15 -16.65
C PRO B 209 12.90 -3.07 -16.73
N ALA B 210 13.52 -2.71 -15.60
CA ALA B 210 14.49 -1.62 -15.61
C ALA B 210 15.71 -1.97 -16.45
N SER B 211 16.15 -3.23 -16.39
CA SER B 211 17.25 -3.71 -17.22
C SER B 211 16.75 -4.30 -18.54
N SER B 212 15.43 -4.37 -18.74
CA SER B 212 14.84 -4.92 -19.96
C SER B 212 15.32 -6.35 -20.20
N THR B 213 15.20 -7.19 -19.17
CA THR B 213 15.73 -8.54 -19.20
C THR B 213 14.64 -9.53 -18.82
N LYS B 214 14.72 -10.73 -19.40
CA LYS B 214 13.81 -11.81 -19.04
C LYS B 214 14.53 -13.13 -19.24
N VAL B 215 14.62 -13.92 -18.16
CA VAL B 215 15.34 -15.19 -18.15
C VAL B 215 14.36 -16.31 -17.89
N ASP B 216 14.55 -17.43 -18.60
CA ASP B 216 13.71 -18.61 -18.43
C ASP B 216 14.62 -19.79 -18.15
N LYS B 217 14.36 -20.49 -17.04
CA LYS B 217 15.19 -21.61 -16.62
C LYS B 217 14.31 -22.83 -16.38
N LYS B 218 14.65 -23.94 -17.03
CA LYS B 218 13.90 -25.19 -16.85
C LYS B 218 14.60 -26.07 -15.82
N ILE B 219 13.81 -26.71 -14.98
CA ILE B 219 14.31 -27.48 -13.84
C ILE B 219 14.48 -28.93 -14.27
N VAL B 220 15.72 -29.41 -14.27
CA VAL B 220 16.05 -30.79 -14.62
C VAL B 220 16.80 -31.43 -13.46
N PRO B 221 16.46 -32.66 -13.05
CA PRO B 221 17.13 -33.27 -11.90
C PRO B 221 18.62 -33.56 -12.14
N ARG B 222 18.92 -34.65 -12.83
CA ARG B 222 20.30 -35.06 -13.06
C ARG B 222 20.35 -36.02 -14.24
N ASP B 223 21.44 -36.80 -14.33
CA ASP B 223 21.63 -37.78 -15.39
C ASP B 223 21.13 -39.17 -14.98
N ASP C 1 -0.86 15.52 12.51
CA ASP C 1 -0.74 16.36 13.71
C ASP C 1 -1.57 15.77 14.85
N ILE C 2 -2.86 15.58 14.62
CA ILE C 2 -3.73 14.97 15.61
C ILE C 2 -3.33 13.50 15.78
N GLN C 3 -2.73 13.18 16.92
CA GLN C 3 -2.24 11.83 17.16
C GLN C 3 -3.41 10.85 17.21
N MET C 4 -3.37 9.86 16.33
CA MET C 4 -4.41 8.83 16.25
C MET C 4 -3.80 7.52 16.74
N THR C 5 -3.82 7.32 18.06
CA THR C 5 -3.26 6.12 18.66
C THR C 5 -4.17 4.93 18.38
N GLN C 6 -3.64 3.93 17.68
CA GLN C 6 -4.39 2.74 17.33
C GLN C 6 -3.97 1.58 18.21
N SER C 7 -4.93 0.70 18.54
CA SER C 7 -4.65 -0.43 19.39
C SER C 7 -5.56 -1.60 19.05
N PRO C 8 -5.03 -2.84 18.98
CA PRO C 8 -3.60 -3.12 19.14
C PRO C 8 -2.82 -3.03 17.82
N SER C 9 -1.51 -3.26 17.89
CA SER C 9 -0.69 -3.26 16.69
C SER C 9 -0.87 -4.54 15.88
N SER C 10 -1.18 -5.65 16.55
CA SER C 10 -1.38 -6.93 15.86
C SER C 10 -2.19 -7.84 16.76
N LEU C 11 -3.16 -8.54 16.18
CA LEU C 11 -4.01 -9.47 16.91
C LEU C 11 -4.32 -10.67 16.03
N SER C 12 -5.03 -11.64 16.59
CA SER C 12 -5.42 -12.83 15.87
C SER C 12 -6.62 -13.47 16.57
N ALA C 13 -7.55 -13.98 15.78
CA ALA C 13 -8.75 -14.63 16.29
C ALA C 13 -9.06 -15.85 15.45
N SER C 14 -10.11 -16.58 15.84
CA SER C 14 -10.47 -17.82 15.18
C SER C 14 -11.31 -17.55 13.93
N LEU C 15 -11.53 -18.61 13.16
CA LEU C 15 -12.35 -18.51 11.96
C LEU C 15 -13.81 -18.31 12.34
N GLY C 16 -14.42 -17.27 11.78
CA GLY C 16 -15.80 -16.95 12.10
C GLY C 16 -16.00 -16.16 13.36
N GLY C 17 -14.93 -15.67 13.97
CA GLY C 17 -15.01 -14.91 15.20
C GLY C 17 -15.24 -13.43 14.96
N LYS C 18 -14.84 -12.61 15.94
CA LYS C 18 -15.02 -11.17 15.88
C LYS C 18 -13.81 -10.49 16.49
N VAL C 19 -13.30 -9.47 15.81
CA VAL C 19 -12.15 -8.71 16.28
C VAL C 19 -12.56 -7.26 16.46
N THR C 20 -11.84 -6.56 17.34
CA THR C 20 -12.13 -5.18 17.67
C THR C 20 -10.84 -4.38 17.74
N ILE C 21 -10.81 -3.23 17.08
CA ILE C 21 -9.66 -2.34 17.05
C ILE C 21 -10.13 -0.94 17.45
N THR C 22 -9.42 -0.31 18.38
CA THR C 22 -9.77 1.00 18.88
C THR C 22 -8.77 2.05 18.40
N CYS C 23 -9.26 3.29 18.29
CA CYS C 23 -8.44 4.42 17.87
C CYS C 23 -8.83 5.64 18.68
N LYS C 24 -7.84 6.25 19.33
CA LYS C 24 -8.06 7.40 20.20
C LYS C 24 -7.31 8.59 19.61
N ALA C 25 -8.05 9.68 19.38
CA ALA C 25 -7.45 10.90 18.86
C ALA C 25 -6.89 11.76 19.97
N SER C 26 -5.95 12.63 19.62
CA SER C 26 -5.38 13.56 20.59
C SER C 26 -6.29 14.74 20.87
N GLN C 27 -7.31 14.96 20.04
CA GLN C 27 -8.28 16.03 20.27
C GLN C 27 -9.61 15.61 19.66
N ASP C 28 -10.61 16.45 19.86
CA ASP C 28 -11.95 16.18 19.33
C ASP C 28 -11.93 16.36 17.82
N ILE C 29 -12.08 15.25 17.08
CA ILE C 29 -12.13 15.29 15.63
C ILE C 29 -13.56 15.33 15.10
N LYS C 30 -14.56 15.36 16.00
CA LYS C 30 -15.96 15.55 15.63
C LYS C 30 -16.47 14.44 14.70
N LYS C 31 -16.24 13.19 15.12
CA LYS C 31 -16.74 12.00 14.45
C LYS C 31 -16.25 11.88 13.01
N TYR C 32 -15.18 12.58 12.64
CA TYR C 32 -14.60 12.49 11.30
C TYR C 32 -13.48 11.45 11.33
N ILE C 33 -13.88 10.18 11.27
CA ILE C 33 -12.94 9.08 11.27
C ILE C 33 -13.38 8.04 10.25
N ALA C 34 -12.40 7.39 9.62
CA ALA C 34 -12.64 6.35 8.64
C ALA C 34 -11.67 5.20 8.87
N TRP C 35 -12.04 4.02 8.40
CA TRP C 35 -11.24 2.82 8.57
C TRP C 35 -10.94 2.21 7.21
N TYR C 36 -9.67 1.87 6.98
CA TYR C 36 -9.19 1.37 5.71
C TYR C 36 -8.59 -0.01 5.86
N GLN C 37 -8.91 -0.89 4.92
CA GLN C 37 -8.31 -2.21 4.80
C GLN C 37 -7.17 -2.15 3.80
N HIS C 38 -6.07 -2.85 4.11
CA HIS C 38 -4.86 -2.79 3.28
C HIS C 38 -4.30 -4.21 3.17
N LYS C 39 -4.51 -4.83 2.01
CA LYS C 39 -3.93 -6.13 1.70
C LYS C 39 -2.52 -5.96 1.16
N PRO C 40 -1.67 -6.99 1.28
CA PRO C 40 -0.29 -6.87 0.81
C PRO C 40 -0.23 -6.68 -0.70
N GLY C 41 0.56 -5.70 -1.13
CA GLY C 41 0.74 -5.41 -2.53
C GLY C 41 -0.27 -4.44 -3.09
N LYS C 42 -1.55 -4.81 -3.02
CA LYS C 42 -2.60 -3.98 -3.56
C LYS C 42 -2.85 -2.76 -2.66
N GLY C 43 -3.50 -1.75 -3.24
CA GLY C 43 -3.75 -0.51 -2.55
C GLY C 43 -4.81 -0.65 -1.47
N PRO C 44 -4.94 0.37 -0.63
CA PRO C 44 -5.95 0.32 0.44
C PRO C 44 -7.37 0.37 -0.12
N ARG C 45 -8.31 -0.03 0.73
CA ARG C 45 -9.73 -0.05 0.38
C ARG C 45 -10.54 0.44 1.57
N LEU C 46 -11.39 1.44 1.32
CA LEU C 46 -12.20 2.00 2.40
C LEU C 46 -13.30 1.04 2.81
N LEU C 47 -13.52 0.93 4.11
CA LEU C 47 -14.57 0.08 4.67
C LEU C 47 -15.70 0.88 5.31
N ILE C 48 -15.37 1.82 6.18
CA ILE C 48 -16.35 2.59 6.93
C ILE C 48 -15.89 4.04 7.01
N HIS C 49 -16.76 4.97 6.61
CA HIS C 49 -16.50 6.39 6.72
C HIS C 49 -17.48 7.02 7.71
N TYR C 50 -17.06 8.13 8.31
CA TYR C 50 -17.82 8.83 9.35
C TYR C 50 -18.27 7.85 10.44
N THR C 51 -17.27 7.37 11.18
CA THR C 51 -17.46 6.57 12.39
C THR C 51 -18.17 5.23 12.14
N SER C 52 -19.34 5.25 11.49
CA SER C 52 -20.07 4.00 11.32
C SER C 52 -20.89 3.91 10.03
N THR C 53 -20.70 4.79 9.05
CA THR C 53 -21.44 4.70 7.79
C THR C 53 -20.63 3.88 6.79
N LEU C 54 -21.19 2.77 6.33
CA LEU C 54 -20.49 1.85 5.46
C LEU C 54 -20.49 2.36 4.01
N GLN C 55 -19.72 1.66 3.15
CA GLN C 55 -19.56 1.89 1.73
C GLN C 55 -20.34 0.86 0.93
N PRO C 56 -20.79 1.21 -0.27
CA PRO C 56 -21.48 0.23 -1.13
C PRO C 56 -20.53 -0.90 -1.51
N GLY C 57 -20.95 -2.13 -1.23
CA GLY C 57 -20.16 -3.30 -1.48
C GLY C 57 -19.51 -3.89 -0.23
N ILE C 58 -19.46 -3.13 0.85
CA ILE C 58 -18.87 -3.64 2.10
C ILE C 58 -19.93 -4.41 2.86
N PRO C 59 -19.66 -5.66 3.26
CA PRO C 59 -20.68 -6.46 3.93
C PRO C 59 -21.07 -5.85 5.27
N SER C 60 -22.23 -6.29 5.78
CA SER C 60 -22.76 -5.78 7.04
C SER C 60 -22.02 -6.33 8.26
N ARG C 61 -21.00 -7.17 8.07
CA ARG C 61 -20.23 -7.72 9.18
C ARG C 61 -19.10 -6.80 9.64
N PHE C 62 -19.00 -5.61 9.07
CA PHE C 62 -18.00 -4.61 9.47
C PHE C 62 -18.75 -3.46 10.13
N SER C 63 -18.58 -3.31 11.44
CA SER C 63 -19.29 -2.29 12.20
C SER C 63 -18.31 -1.30 12.80
N GLY C 64 -18.84 -0.14 13.18
CA GLY C 64 -18.03 0.89 13.82
C GLY C 64 -18.87 1.71 14.78
N SER C 65 -18.18 2.43 15.65
CA SER C 65 -18.82 3.30 16.64
C SER C 65 -17.77 4.24 17.20
N GLY C 66 -18.22 5.17 18.04
CA GLY C 66 -17.30 6.07 18.69
C GLY C 66 -17.85 7.47 18.92
N SER C 67 -17.11 8.27 19.68
CA SER C 67 -17.53 9.62 20.02
C SER C 67 -16.31 10.49 20.24
N GLY C 68 -16.37 11.72 19.71
CA GLY C 68 -15.39 12.75 19.97
C GLY C 68 -13.93 12.35 19.81
N ARG C 69 -13.43 11.54 20.75
CA ARG C 69 -12.02 11.23 20.80
C ARG C 69 -11.71 9.74 20.80
N ASP C 70 -12.67 8.87 21.10
CA ASP C 70 -12.44 7.43 21.15
C ASP C 70 -13.39 6.73 20.20
N TYR C 71 -12.86 5.92 19.30
CA TYR C 71 -13.67 5.23 18.30
C TYR C 71 -13.24 3.76 18.25
N SER C 72 -14.15 2.93 17.76
CA SER C 72 -13.94 1.48 17.73
C SER C 72 -14.48 0.92 16.42
N PHE C 73 -13.86 -0.17 15.97
CA PHE C 73 -14.21 -0.84 14.73
C PHE C 73 -14.18 -2.34 14.97
N SER C 74 -15.13 -3.06 14.39
CA SER C 74 -15.31 -4.48 14.69
C SER C 74 -15.61 -5.27 13.43
N ILE C 75 -15.06 -6.49 13.38
CA ILE C 75 -15.28 -7.41 12.27
C ILE C 75 -15.89 -8.68 12.85
N SER C 76 -17.08 -9.04 12.37
CA SER C 76 -17.80 -10.21 12.85
C SER C 76 -17.78 -11.30 11.78
N ASN C 77 -17.84 -12.55 12.23
CA ASN C 77 -17.83 -13.72 11.37
C ASN C 77 -16.63 -13.68 10.42
N LEU C 78 -15.45 -13.84 11.02
CA LEU C 78 -14.19 -13.71 10.30
C LEU C 78 -14.11 -14.71 9.16
N GLU C 79 -13.97 -14.20 7.94
CA GLU C 79 -13.71 -14.98 6.75
C GLU C 79 -12.23 -14.94 6.42
N PRO C 80 -11.69 -15.97 5.76
CA PRO C 80 -10.25 -15.96 5.42
C PRO C 80 -9.86 -14.86 4.44
N VAL C 81 -10.83 -14.13 3.86
CA VAL C 81 -10.51 -13.05 2.94
C VAL C 81 -10.20 -11.74 3.64
N ASP C 82 -10.20 -11.72 4.97
CA ASP C 82 -9.99 -10.50 5.73
C ASP C 82 -8.59 -10.38 6.30
N ILE C 83 -7.66 -11.22 5.85
CA ILE C 83 -6.28 -11.19 6.35
C ILE C 83 -5.58 -9.99 5.70
N ALA C 84 -5.47 -8.90 6.45
CA ALA C 84 -4.85 -7.67 5.96
C ALA C 84 -4.54 -6.78 7.16
N THR C 85 -4.19 -5.52 6.87
CA THR C 85 -3.96 -4.51 7.89
C THR C 85 -5.11 -3.52 7.89
N TYR C 86 -5.28 -2.81 9.00
CA TYR C 86 -6.39 -1.87 9.14
C TYR C 86 -5.88 -0.56 9.74
N TYR C 87 -6.21 0.54 9.08
CA TYR C 87 -5.74 1.87 9.46
C TYR C 87 -6.92 2.78 9.80
N CYS C 88 -6.66 3.73 10.69
CA CYS C 88 -7.59 4.80 11.00
C CYS C 88 -7.23 6.05 10.19
N LEU C 89 -8.12 7.04 10.23
CA LEU C 89 -7.87 8.30 9.54
C LEU C 89 -8.83 9.35 10.07
N GLN C 90 -8.27 10.44 10.57
CA GLN C 90 -9.08 11.60 10.96
C GLN C 90 -9.03 12.63 9.84
N TYR C 91 -10.13 13.37 9.71
CA TYR C 91 -10.21 14.41 8.68
C TYR C 91 -10.99 15.61 9.21
N ASP C 92 -10.62 16.09 10.40
CA ASP C 92 -11.17 17.31 10.95
C ASP C 92 -10.25 18.50 10.66
N ASN C 93 -8.93 18.31 10.70
CA ASN C 93 -8.05 19.42 10.40
C ASN C 93 -6.90 18.94 9.52
N LEU C 94 -6.53 17.67 9.68
CA LEU C 94 -5.46 17.09 8.89
C LEU C 94 -5.88 15.66 8.54
N LEU C 95 -4.94 14.85 8.08
CA LEU C 95 -5.18 13.46 7.70
C LEU C 95 -4.08 12.61 8.32
N THR C 96 -4.31 12.15 9.55
CA THR C 96 -3.35 11.35 10.29
C THR C 96 -3.85 9.91 10.34
N PHE C 97 -2.96 8.97 10.00
CA PHE C 97 -3.29 7.55 10.01
C PHE C 97 -2.81 6.88 11.28
N GLY C 98 -3.45 5.75 11.62
CA GLY C 98 -3.07 4.98 12.78
C GLY C 98 -1.85 4.12 12.55
N ALA C 99 -1.50 3.35 13.58
CA ALA C 99 -0.33 2.48 13.51
C ALA C 99 -0.59 1.20 12.70
N GLY C 100 -1.85 0.83 12.51
CA GLY C 100 -2.18 -0.38 11.78
C GLY C 100 -2.37 -1.58 12.71
N THR C 101 -3.14 -2.55 12.21
CA THR C 101 -3.44 -3.75 12.97
C THR C 101 -3.36 -4.95 12.02
N LYS C 102 -2.35 -5.79 12.20
CA LYS C 102 -2.17 -6.97 11.37
C LYS C 102 -3.12 -8.06 11.85
N LEU C 103 -4.11 -8.41 11.04
CA LEU C 103 -5.07 -9.43 11.38
C LEU C 103 -4.57 -10.80 10.93
N GLU C 104 -4.77 -11.80 11.79
CA GLU C 104 -4.25 -13.14 11.55
C GLU C 104 -5.33 -14.16 11.89
N LEU C 105 -5.51 -15.15 11.02
CA LEU C 105 -6.50 -16.20 11.23
C LEU C 105 -5.87 -17.35 11.99
N LYS C 106 -6.49 -17.74 13.11
CA LYS C 106 -6.00 -18.82 13.93
C LYS C 106 -6.51 -20.14 13.37
N ARG C 107 -5.65 -20.83 12.62
CA ARG C 107 -5.98 -22.14 12.06
C ARG C 107 -5.32 -23.23 12.90
N ALA C 108 -5.53 -24.48 12.48
CA ALA C 108 -4.90 -25.60 13.14
C ALA C 108 -3.39 -25.60 12.88
N ASP C 109 -2.66 -26.28 13.77
CA ASP C 109 -1.22 -26.33 13.64
C ASP C 109 -0.82 -27.20 12.46
N ALA C 110 0.01 -26.65 11.57
CA ALA C 110 0.48 -27.34 10.39
C ALA C 110 2.00 -27.47 10.46
N ALA C 111 2.50 -28.68 10.23
CA ALA C 111 3.94 -28.90 10.28
C ALA C 111 4.60 -28.31 9.03
N PRO C 112 5.75 -27.65 9.18
CA PRO C 112 6.41 -27.04 8.02
C PRO C 112 7.01 -28.11 7.11
N THR C 113 6.76 -27.97 5.81
CA THR C 113 7.38 -28.83 4.81
C THR C 113 8.72 -28.22 4.41
N VAL C 114 9.80 -28.97 4.63
CA VAL C 114 11.15 -28.48 4.41
C VAL C 114 11.71 -29.08 3.12
N SER C 115 12.39 -28.25 2.35
CA SER C 115 13.02 -28.68 1.10
C SER C 115 14.40 -28.05 0.99
N ILE C 116 15.41 -28.89 0.75
CA ILE C 116 16.79 -28.44 0.65
C ILE C 116 17.22 -28.48 -0.82
N PHE C 117 18.06 -27.53 -1.20
CA PHE C 117 18.52 -27.42 -2.58
C PHE C 117 19.98 -26.99 -2.63
N PRO C 118 20.85 -27.78 -3.24
CA PRO C 118 22.25 -27.37 -3.41
C PRO C 118 22.37 -26.31 -4.48
N PRO C 119 23.52 -25.65 -4.60
CA PRO C 119 23.72 -24.68 -5.68
C PRO C 119 23.66 -25.34 -7.05
N SER C 120 23.47 -24.50 -8.07
CA SER C 120 23.38 -24.97 -9.45
C SER C 120 24.77 -25.00 -10.09
N SER C 121 24.84 -25.64 -11.25
CA SER C 121 26.11 -25.70 -11.99
C SER C 121 26.46 -24.35 -12.59
N GLU C 122 25.45 -23.59 -13.01
CA GLU C 122 25.70 -22.25 -13.55
C GLU C 122 26.22 -21.30 -12.50
N GLN C 123 25.90 -21.53 -11.22
CA GLN C 123 26.36 -20.64 -10.17
C GLN C 123 27.75 -21.00 -9.68
N LEU C 124 28.04 -22.30 -9.55
CA LEU C 124 29.36 -22.75 -9.11
C LEU C 124 30.47 -22.39 -10.09
N THR C 125 30.14 -22.21 -11.37
CA THR C 125 31.12 -21.81 -12.37
C THR C 125 31.38 -20.30 -12.38
N SER C 126 30.81 -19.55 -11.43
CA SER C 126 31.01 -18.12 -11.35
C SER C 126 31.52 -17.68 -9.98
N GLY C 127 32.12 -18.60 -9.22
CA GLY C 127 32.68 -18.25 -7.93
C GLY C 127 31.67 -18.09 -6.82
N GLY C 128 30.49 -18.70 -6.95
CA GLY C 128 29.47 -18.58 -5.93
C GLY C 128 28.85 -19.94 -5.61
N ALA C 129 28.19 -20.00 -4.46
CA ALA C 129 27.53 -21.22 -4.01
C ALA C 129 26.51 -20.86 -2.96
N SER C 130 25.23 -21.10 -3.25
CA SER C 130 24.14 -20.77 -2.33
C SER C 130 23.26 -21.99 -2.12
N VAL C 131 23.14 -22.43 -0.88
CA VAL C 131 22.23 -23.51 -0.53
C VAL C 131 20.91 -22.91 -0.09
N VAL C 132 19.80 -23.52 -0.51
CA VAL C 132 18.47 -22.97 -0.28
C VAL C 132 17.66 -23.93 0.58
N CYS C 133 16.94 -23.38 1.55
CA CYS C 133 16.08 -24.14 2.45
C CYS C 133 14.71 -23.49 2.47
N PHE C 134 13.72 -24.17 1.88
CA PHE C 134 12.35 -23.69 1.85
C PHE C 134 11.55 -24.35 2.97
N LEU C 135 10.77 -23.55 3.70
CA LEU C 135 9.88 -24.02 4.74
C LEU C 135 8.49 -23.52 4.38
N ASN C 136 7.66 -24.40 3.81
CA ASN C 136 6.37 -24.02 3.28
C ASN C 136 5.25 -24.59 4.14
N ASN C 137 4.16 -23.80 4.22
CA ASN C 137 2.93 -24.19 4.92
C ASN C 137 3.19 -24.57 6.37
N PHE C 138 3.11 -23.58 7.26
CA PHE C 138 3.31 -23.85 8.68
C PHE C 138 2.61 -22.78 9.52
N TYR C 139 1.99 -23.22 10.61
CA TYR C 139 1.38 -22.35 11.61
C TYR C 139 1.71 -22.98 12.96
N PRO C 140 2.11 -22.18 13.97
CA PRO C 140 2.18 -20.71 14.00
C PRO C 140 3.33 -20.13 13.18
N ARG C 141 3.44 -18.80 13.21
CA ARG C 141 4.46 -18.10 12.45
C ARG C 141 5.85 -18.24 13.08
N ASP C 142 5.92 -18.53 14.37
CA ASP C 142 7.19 -18.70 15.06
C ASP C 142 8.00 -19.82 14.44
N ILE C 143 9.10 -19.47 13.77
CA ILE C 143 9.95 -20.43 13.08
C ILE C 143 11.40 -19.98 13.23
N ASN C 144 12.30 -20.95 13.40
CA ASN C 144 13.72 -20.68 13.55
C ASN C 144 14.51 -21.70 12.73
N VAL C 145 15.34 -21.21 11.81
CA VAL C 145 16.17 -22.05 10.97
C VAL C 145 17.63 -21.81 11.33
N LYS C 146 18.42 -22.89 11.35
CA LYS C 146 19.84 -22.83 11.64
C LYS C 146 20.60 -23.65 10.61
N TRP C 147 21.64 -23.06 10.03
CA TRP C 147 22.48 -23.74 9.05
C TRP C 147 23.68 -24.37 9.75
N LYS C 148 23.88 -25.67 9.49
CA LYS C 148 24.99 -26.42 10.07
C LYS C 148 25.80 -27.07 8.96
N ILE C 149 27.07 -26.71 8.86
CA ILE C 149 28.00 -27.31 7.92
C ILE C 149 28.92 -28.23 8.72
N ASP C 150 28.77 -29.54 8.49
CA ASP C 150 29.54 -30.56 9.20
C ASP C 150 29.48 -30.35 10.71
N GLY C 151 28.26 -30.12 11.21
CA GLY C 151 28.03 -29.89 12.62
C GLY C 151 28.29 -28.48 13.09
N SER C 152 29.08 -27.70 12.37
CA SER C 152 29.40 -26.33 12.79
C SER C 152 28.25 -25.41 12.42
N GLU C 153 27.68 -24.74 13.42
CA GLU C 153 26.58 -23.81 13.21
C GLU C 153 27.13 -22.53 12.60
N ARG C 154 26.79 -22.28 11.34
CA ARG C 154 27.27 -21.09 10.64
C ARG C 154 26.32 -19.93 10.86
N GLN C 155 26.87 -18.80 11.32
CA GLN C 155 26.07 -17.62 11.61
C GLN C 155 26.18 -16.54 10.54
N ASN C 156 27.29 -16.48 9.82
CA ASN C 156 27.50 -15.47 8.80
C ASN C 156 27.16 -16.04 7.42
N GLY C 157 26.56 -15.20 6.58
CA GLY C 157 26.21 -15.59 5.23
C GLY C 157 24.84 -16.21 5.11
N VAL C 158 23.88 -15.70 5.87
CA VAL C 158 22.51 -16.20 5.88
C VAL C 158 21.58 -15.07 5.44
N LEU C 159 20.66 -15.39 4.53
CA LEU C 159 19.67 -14.44 4.05
C LEU C 159 18.30 -15.09 4.17
N ASN C 160 17.45 -14.53 5.04
CA ASN C 160 16.13 -15.08 5.30
C ASN C 160 15.05 -14.19 4.68
N SER C 161 13.92 -14.80 4.35
CA SER C 161 12.79 -14.06 3.80
C SER C 161 11.50 -14.78 4.15
N TRP C 162 10.60 -14.10 4.84
CA TRP C 162 9.31 -14.64 5.22
C TRP C 162 8.21 -14.13 4.28
N THR C 163 7.02 -14.70 4.45
CA THR C 163 5.84 -14.28 3.70
C THR C 163 4.73 -13.91 4.66
N ASP C 164 3.70 -13.26 4.12
CA ASP C 164 2.50 -12.94 4.88
C ASP C 164 1.54 -14.12 4.86
N GLN C 165 0.47 -13.99 5.65
CA GLN C 165 -0.55 -15.04 5.72
C GLN C 165 -1.42 -14.95 4.48
N ASP C 166 -1.25 -15.89 3.56
CA ASP C 166 -2.10 -15.93 2.38
C ASP C 166 -3.53 -16.29 2.77
N SER C 167 -4.49 -15.76 2.00
CA SER C 167 -5.90 -15.96 2.32
C SER C 167 -6.29 -17.42 2.23
N LYS C 168 -5.60 -18.20 1.41
CA LYS C 168 -5.88 -19.62 1.26
C LYS C 168 -5.04 -20.42 2.25
N ASP C 169 -5.70 -21.39 2.91
CA ASP C 169 -5.06 -22.31 3.86
C ASP C 169 -4.60 -21.60 5.13
N SER C 170 -4.41 -20.28 5.07
CA SER C 170 -4.01 -19.48 6.24
C SER C 170 -2.70 -19.98 6.84
N THR C 171 -1.69 -20.11 5.98
CA THR C 171 -0.36 -20.56 6.39
C THR C 171 0.67 -19.50 6.01
N TYR C 172 1.91 -19.75 6.40
CA TYR C 172 3.04 -18.88 6.09
C TYR C 172 4.09 -19.65 5.30
N ASN C 173 5.12 -18.92 4.85
CA ASN C 173 6.22 -19.51 4.11
C ASN C 173 7.51 -18.79 4.50
N MET C 174 8.63 -19.49 4.34
CA MET C 174 9.93 -18.93 4.66
C MET C 174 10.98 -19.53 3.73
N SER C 175 11.99 -18.74 3.41
CA SER C 175 13.10 -19.18 2.55
C SER C 175 14.40 -18.68 3.16
N SER C 176 15.32 -19.61 3.42
CA SER C 176 16.65 -19.28 3.92
C SER C 176 17.69 -19.61 2.86
N THR C 177 18.70 -18.76 2.75
CA THR C 177 19.74 -18.92 1.74
C THR C 177 21.10 -18.78 2.40
N LEU C 178 21.90 -19.84 2.32
CA LEU C 178 23.28 -19.83 2.80
C LEU C 178 24.19 -19.57 1.61
N THR C 179 24.60 -18.31 1.45
CA THR C 179 25.51 -17.94 0.38
C THR C 179 26.94 -18.25 0.81
N LEU C 180 27.75 -18.73 -0.14
CA LEU C 180 29.10 -19.16 0.14
C LEU C 180 29.99 -18.76 -1.04
N THR C 181 31.16 -19.39 -1.11
CA THR C 181 32.05 -19.30 -2.24
C THR C 181 32.33 -20.71 -2.73
N LYS C 182 32.70 -20.83 -4.01
CA LYS C 182 33.01 -22.13 -4.57
C LYS C 182 34.04 -22.87 -3.73
N ASP C 183 35.06 -22.15 -3.25
CA ASP C 183 36.08 -22.73 -2.39
C ASP C 183 35.47 -23.30 -1.12
N GLU C 184 34.95 -22.44 -0.25
CA GLU C 184 34.40 -22.87 1.04
C GLU C 184 33.30 -23.91 0.88
N TYR C 185 32.61 -23.93 -0.26
CA TYR C 185 31.58 -24.95 -0.47
C TYR C 185 32.21 -26.29 -0.82
N GLU C 186 33.20 -26.29 -1.73
CA GLU C 186 33.85 -27.51 -2.15
C GLU C 186 34.91 -28.00 -1.16
N ARG C 187 34.92 -27.48 0.07
CA ARG C 187 35.83 -27.95 1.11
C ARG C 187 35.13 -28.72 2.20
N HIS C 188 33.80 -28.73 2.23
CA HIS C 188 33.02 -29.46 3.23
C HIS C 188 32.15 -30.49 2.53
N ASN C 189 31.20 -31.07 3.28
CA ASN C 189 30.38 -32.15 2.74
C ASN C 189 28.91 -31.98 3.10
N SER C 190 28.60 -31.99 4.40
CA SER C 190 27.21 -31.95 4.86
C SER C 190 26.74 -30.51 5.01
N TYR C 191 25.48 -30.26 4.63
CA TYR C 191 24.86 -28.95 4.76
C TYR C 191 23.43 -29.15 5.21
N THR C 192 23.16 -28.86 6.48
CA THR C 192 21.86 -29.10 7.09
C THR C 192 21.18 -27.78 7.40
N CYS C 193 19.85 -27.74 7.26
CA CYS C 193 19.06 -26.62 7.77
C CYS C 193 18.04 -27.18 8.75
N GLU C 194 18.28 -26.97 10.03
CA GLU C 194 17.41 -27.45 11.09
C GLU C 194 16.36 -26.40 11.42
N ALA C 195 15.11 -26.83 11.54
CA ALA C 195 13.99 -25.94 11.81
C ALA C 195 13.39 -26.26 13.17
N THR C 196 13.16 -25.24 13.98
CA THR C 196 12.53 -25.38 15.28
C THR C 196 11.11 -24.86 15.19
N HIS C 197 10.14 -25.73 15.44
CA HIS C 197 8.73 -25.37 15.31
C HIS C 197 7.94 -25.95 16.48
N LYS C 198 6.73 -25.43 16.66
CA LYS C 198 5.88 -25.88 17.76
C LYS C 198 5.38 -27.30 17.56
N THR C 199 5.13 -27.69 16.31
CA THR C 199 4.52 -28.98 16.02
C THR C 199 5.49 -30.16 16.21
N SER C 200 6.74 -29.92 16.58
CA SER C 200 7.72 -30.99 16.73
C SER C 200 8.62 -30.71 17.93
N THR C 201 8.81 -31.74 18.76
CA THR C 201 9.75 -31.62 19.87
C THR C 201 11.18 -31.64 19.35
N SER C 202 11.49 -32.59 18.47
CA SER C 202 12.80 -32.62 17.84
C SER C 202 12.81 -31.70 16.62
N PRO C 203 13.93 -31.04 16.33
CA PRO C 203 13.97 -30.11 15.20
C PRO C 203 13.88 -30.84 13.87
N ILE C 204 13.07 -30.29 12.97
CA ILE C 204 12.95 -30.85 11.63
C ILE C 204 14.28 -30.67 10.91
N VAL C 205 14.96 -31.78 10.63
CA VAL C 205 16.32 -31.77 10.12
C VAL C 205 16.32 -32.25 8.68
N LYS C 206 16.94 -31.48 7.80
CA LYS C 206 17.10 -31.87 6.40
C LYS C 206 18.46 -31.40 5.90
N SER C 207 19.19 -32.32 5.25
CA SER C 207 20.53 -32.08 4.76
C SER C 207 20.74 -32.86 3.47
N PHE C 208 21.97 -32.82 2.96
CA PHE C 208 22.35 -33.60 1.80
C PHE C 208 23.86 -33.77 1.82
N ASN C 209 24.32 -34.99 1.51
CA ASN C 209 25.73 -35.31 1.48
C ASN C 209 26.27 -35.03 0.07
N ARG C 210 27.31 -34.19 -0.01
CA ARG C 210 27.87 -33.84 -1.31
C ARG C 210 28.52 -35.04 -1.97
N ASN C 211 29.14 -35.92 -1.18
CA ASN C 211 29.79 -37.13 -1.69
C ASN C 211 30.82 -36.82 -2.77
C1 NAG D . -37.69 26.15 -12.59
C2 NAG D . -38.76 26.78 -13.48
C3 NAG D . -40.11 26.10 -13.24
C4 NAG D . -39.98 24.59 -13.43
C5 NAG D . -38.86 24.05 -12.54
C6 NAG D . -38.59 22.58 -12.77
C7 NAG D . -39.22 29.09 -14.19
C8 NAG D . -39.28 30.52 -13.77
N2 NAG D . -38.87 28.21 -13.25
O3 NAG D . -41.07 26.62 -14.16
O4 NAG D . -41.20 23.95 -13.09
O5 NAG D . -37.64 24.74 -12.83
O6 NAG D . -37.36 22.37 -13.45
O7 NAG D . -39.48 28.74 -15.34
#